data_4ROP
#
_entry.id   4ROP
#
_cell.length_a   164.282
_cell.length_b   164.282
_cell.length_c   75.500
_cell.angle_alpha   90.00
_cell.angle_beta   90.00
_cell.angle_gamma   90.00
#
_symmetry.space_group_name_H-M   'I 4 2 2'
#
loop_
_entity.id
_entity.type
_entity.pdbx_description
1 polymer Enolase
2 non-polymer 'CALCIUM ION'
3 water water
#
_entity_poly.entity_id   1
_entity_poly.type   'polypeptide(L)'
_entity_poly.pdbx_seq_one_letter_code
;YGTQIAEITAREILDSRGRPTVEAEVHLEDGSVGLAQVPSGASTGTFEAHELRDDDPSRYGGKGVQKAVENVSAIEDALI
GLSALDQEGLDKAMIALDGTPNKKNLGANAILAVSLATAHAAATSLNLPLYRYLGGPLANVLPVPMMNVINGGAHADNNV
DFQEFMIMPVGAPSFKEALRWGAEVFHALAKVLKDKGLATGVGDEGGFAPNLGSNKEALELLLTAIEAAGYKPGEQVALA
MDVASSEFYKNGLYTCDGVSHEPAGMIGILADLVSQYPIVSIEDGLQEDDWSNWKTLTQQLGSTVQLVGDDLFVTNPDRL
QSGIEQGVGNAVLIKLNQIGTLTETLRTIDLATRSGYRSVISHRSGETEDTTIADLAVATRAGQIKTGSLSRSERIAKYN
RLLRIEAALGENALYAGAIGLGPK
;
_entity_poly.pdbx_strand_id   A
#
# COMPACT_ATOMS: atom_id res chain seq x y z
N TYR A 1 -24.05 0.86 -26.58
CA TYR A 1 -23.18 -0.22 -27.12
C TYR A 1 -21.70 0.11 -26.81
N GLY A 2 -21.36 1.40 -26.77
CA GLY A 2 -20.00 1.94 -26.80
C GLY A 2 -19.16 1.49 -25.61
N THR A 3 -19.76 1.35 -24.43
CA THR A 3 -19.02 0.96 -23.21
C THR A 3 -18.91 -0.57 -23.15
N GLN A 4 -19.49 -1.29 -24.10
CA GLN A 4 -19.40 -2.78 -24.09
C GLN A 4 -17.96 -3.22 -24.35
N ILE A 5 -17.51 -4.27 -23.66
CA ILE A 5 -16.16 -4.86 -23.84
C ILE A 5 -16.10 -5.56 -25.19
N ALA A 6 -15.11 -5.16 -25.98
CA ALA A 6 -14.82 -5.66 -27.33
C ALA A 6 -13.64 -6.62 -27.24
N GLU A 7 -12.63 -6.29 -26.44
CA GLU A 7 -11.40 -7.11 -26.39
C GLU A 7 -10.75 -7.01 -25.01
N ILE A 8 -10.21 -8.11 -24.53
CA ILE A 8 -9.36 -8.14 -23.30
C ILE A 8 -8.10 -8.95 -23.61
N THR A 9 -6.94 -8.30 -23.57
CA THR A 9 -5.61 -8.90 -23.81
C THR A 9 -4.77 -8.83 -22.52
N ALA A 10 -3.84 -9.75 -22.32
CA ALA A 10 -2.85 -9.64 -21.24
C ALA A 10 -1.47 -10.01 -21.78
N ARG A 11 -0.41 -9.51 -21.15
N ARG A 11 -0.43 -9.58 -21.05
CA ARG A 11 0.95 -9.99 -21.45
CA ARG A 11 0.99 -9.76 -21.43
C ARG A 11 1.78 -10.02 -20.16
C ARG A 11 1.81 -9.95 -20.15
N GLU A 12 2.86 -10.77 -20.23
CA GLU A 12 3.88 -10.90 -19.17
C GLU A 12 4.83 -9.71 -19.32
N ILE A 13 4.91 -8.84 -18.31
CA ILE A 13 5.88 -7.72 -18.23
C ILE A 13 6.73 -7.95 -16.98
N LEU A 14 7.53 -6.95 -16.62
CA LEU A 14 8.40 -6.96 -15.43
C LEU A 14 7.96 -5.88 -14.48
N ASP A 15 8.03 -6.20 -13.19
CA ASP A 15 7.85 -5.25 -12.08
C ASP A 15 9.20 -4.59 -11.80
N SER A 16 9.20 -3.72 -10.80
CA SER A 16 10.33 -2.86 -10.36
C SER A 16 11.48 -3.70 -9.80
N ARG A 17 11.29 -5.00 -9.57
CA ARG A 17 12.37 -5.88 -9.04
CA ARG A 17 12.33 -5.92 -9.03
C ARG A 17 12.87 -6.83 -10.15
N GLY A 18 12.41 -6.64 -11.38
CA GLY A 18 12.82 -7.49 -12.49
C GLY A 18 12.17 -8.87 -12.42
N ARG A 19 10.95 -8.97 -11.87
CA ARG A 19 10.21 -10.25 -11.80
C ARG A 19 8.95 -10.18 -12.64
N PRO A 20 8.54 -11.27 -13.32
CA PRO A 20 7.32 -11.20 -14.12
C PRO A 20 6.11 -10.72 -13.31
N THR A 21 5.23 -9.98 -13.99
CA THR A 21 3.84 -9.73 -13.55
C THR A 21 2.93 -9.54 -14.77
N VAL A 22 1.63 -9.36 -14.51
CA VAL A 22 0.55 -9.29 -15.52
C VAL A 22 0.20 -7.82 -15.78
N GLU A 23 -0.01 -7.50 -17.05
CA GLU A 23 -0.79 -6.33 -17.45
C GLU A 23 -1.90 -6.79 -18.36
N ALA A 24 -3.01 -6.07 -18.27
CA ALA A 24 -4.22 -6.33 -19.09
C ALA A 24 -4.58 -5.04 -19.83
N GLU A 25 -5.19 -5.22 -20.98
CA GLU A 25 -5.60 -4.13 -21.85
C GLU A 25 -7.04 -4.43 -22.24
N VAL A 26 -7.93 -3.49 -21.96
CA VAL A 26 -9.39 -3.65 -22.24
C VAL A 26 -9.74 -2.59 -23.28
N HIS A 27 -10.31 -3.05 -24.39
CA HIS A 27 -10.86 -2.22 -25.49
C HIS A 27 -12.38 -2.27 -25.40
N LEU A 28 -13.02 -1.10 -25.45
CA LEU A 28 -14.49 -0.96 -25.51
C LEU A 28 -14.90 -0.75 -26.97
N GLU A 29 -16.18 -0.98 -27.30
CA GLU A 29 -16.69 -0.82 -28.67
C GLU A 29 -16.47 0.63 -29.10
N ASP A 30 -16.42 1.62 -28.19
CA ASP A 30 -16.21 3.04 -28.62
C ASP A 30 -14.73 3.38 -28.81
N GLY A 31 -13.80 2.40 -28.77
CA GLY A 31 -12.35 2.64 -28.99
C GLY A 31 -11.58 3.00 -27.70
N SER A 32 -12.27 3.20 -26.57
CA SER A 32 -11.65 3.42 -25.23
C SER A 32 -10.71 2.27 -24.92
N VAL A 33 -9.48 2.56 -24.50
CA VAL A 33 -8.51 1.51 -24.04
C VAL A 33 -8.16 1.78 -22.59
N GLY A 34 -8.23 0.77 -21.75
CA GLY A 34 -7.72 0.85 -20.38
C GLY A 34 -6.58 -0.14 -20.26
N LEU A 35 -5.48 0.33 -19.70
CA LEU A 35 -4.31 -0.55 -19.45
C LEU A 35 -4.02 -0.51 -17.95
N ALA A 36 -3.82 -1.66 -17.33
CA ALA A 36 -3.40 -1.77 -15.92
C ALA A 36 -2.35 -2.86 -15.77
N GLN A 37 -1.41 -2.61 -14.86
CA GLN A 37 -0.41 -3.58 -14.37
C GLN A 37 -0.62 -3.87 -12.90
N VAL A 38 -0.30 -5.09 -12.54
CA VAL A 38 -0.48 -5.63 -11.19
C VAL A 38 0.88 -5.69 -10.51
N PRO A 39 0.98 -5.28 -9.22
CA PRO A 39 2.22 -5.47 -8.46
C PRO A 39 2.35 -6.94 -7.98
N SER A 40 3.56 -7.35 -7.58
CA SER A 40 3.98 -8.59 -6.87
C SER A 40 2.99 -8.89 -5.77
N GLY A 41 2.59 -10.16 -5.63
CA GLY A 41 1.64 -10.59 -4.58
C GLY A 41 2.21 -11.72 -3.77
N ALA A 42 1.35 -12.66 -3.37
CA ALA A 42 1.75 -13.94 -2.74
C ALA A 42 0.94 -15.10 -3.36
N SER A 43 1.56 -16.26 -3.46
CA SER A 43 0.95 -17.49 -4.01
C SER A 43 0.40 -18.33 -2.84
N THR A 44 0.40 -17.75 -1.63
CA THR A 44 0.22 -18.47 -0.35
C THR A 44 -0.46 -17.54 0.65
N GLY A 45 -1.19 -18.12 1.62
CA GLY A 45 -1.82 -17.38 2.73
C GLY A 45 -3.31 -17.61 2.76
N THR A 46 -3.86 -17.88 3.94
CA THR A 46 -5.26 -18.36 4.13
C THR A 46 -6.27 -17.28 3.70
N PHE A 47 -6.03 -16.04 4.08
CA PHE A 47 -6.98 -14.92 3.93
C PHE A 47 -6.54 -13.99 2.79
N GLU A 48 -5.56 -14.40 1.97
CA GLU A 48 -5.07 -13.56 0.84
C GLU A 48 -5.42 -14.20 -0.51
N ALA A 49 -5.75 -13.37 -1.50
CA ALA A 49 -5.88 -13.83 -2.91
C ALA A 49 -4.52 -14.38 -3.38
N HIS A 50 -4.52 -15.49 -4.13
CA HIS A 50 -3.28 -16.18 -4.55
C HIS A 50 -2.91 -15.72 -5.96
N GLU A 51 -1.78 -15.10 -6.16
CA GLU A 51 -1.35 -14.82 -7.55
C GLU A 51 -0.86 -16.15 -8.13
N LEU A 52 -1.03 -16.34 -9.42
CA LEU A 52 -0.65 -17.60 -10.13
C LEU A 52 0.74 -17.39 -10.76
N ARG A 53 1.71 -18.20 -10.28
CA ARG A 53 3.06 -18.30 -10.84
C ARG A 53 3.16 -19.61 -11.63
N ASP A 54 4.06 -19.68 -12.61
CA ASP A 54 4.15 -20.84 -13.54
C ASP A 54 4.92 -22.00 -12.89
N ASP A 55 5.87 -21.67 -12.01
CA ASP A 55 6.66 -22.64 -11.23
C ASP A 55 7.51 -23.46 -12.21
N ASP A 56 7.77 -22.92 -13.40
CA ASP A 56 8.68 -23.54 -14.41
C ASP A 56 10.11 -23.11 -14.07
N PRO A 57 10.96 -24.00 -13.48
CA PRO A 57 12.26 -23.56 -12.92
C PRO A 57 13.24 -23.04 -13.98
N SER A 58 12.99 -23.37 -15.24
CA SER A 58 13.84 -22.95 -16.39
C SER A 58 13.40 -21.59 -16.97
N ARG A 59 12.43 -20.90 -16.36
CA ARG A 59 12.03 -19.53 -16.78
C ARG A 59 11.85 -18.67 -15.55
N TYR A 60 12.66 -17.61 -15.42
CA TYR A 60 12.42 -16.50 -14.49
C TYR A 60 12.41 -17.10 -13.09
N GLY A 61 13.25 -18.12 -12.88
CA GLY A 61 13.37 -18.83 -11.59
C GLY A 61 12.03 -19.33 -11.10
N GLY A 62 11.15 -19.77 -12.02
CA GLY A 62 9.80 -20.28 -11.78
C GLY A 62 8.78 -19.19 -11.47
N LYS A 63 9.09 -17.90 -11.67
CA LYS A 63 8.15 -16.79 -11.35
C LYS A 63 7.45 -16.27 -12.62
N GLY A 64 7.50 -17.02 -13.72
CA GLY A 64 6.77 -16.69 -14.95
C GLY A 64 5.29 -16.53 -14.65
N VAL A 65 4.56 -15.80 -15.48
CA VAL A 65 3.09 -15.64 -15.32
C VAL A 65 2.40 -15.93 -16.65
N GLN A 66 2.95 -16.84 -17.45
CA GLN A 66 2.31 -17.30 -18.72
C GLN A 66 0.92 -17.88 -18.43
N LYS A 67 0.73 -18.61 -17.34
CA LYS A 67 -0.58 -19.27 -17.06
C LYS A 67 -1.64 -18.22 -16.72
N ALA A 68 -1.29 -17.23 -15.90
CA ALA A 68 -2.19 -16.11 -15.52
C ALA A 68 -2.55 -15.35 -16.81
N VAL A 69 -1.53 -15.05 -17.62
CA VAL A 69 -1.76 -14.36 -18.92
C VAL A 69 -2.70 -15.22 -19.78
N GLU A 70 -2.51 -16.53 -19.85
CA GLU A 70 -3.43 -17.37 -20.68
C GLU A 70 -4.84 -17.31 -20.09
N ASN A 71 -5.01 -17.33 -18.76
CA ASN A 71 -6.34 -17.34 -18.10
C ASN A 71 -7.14 -16.09 -18.48
N VAL A 72 -6.47 -14.99 -18.83
CA VAL A 72 -7.17 -13.75 -19.25
C VAL A 72 -8.00 -14.03 -20.52
N SER A 73 -7.58 -15.02 -21.32
CA SER A 73 -8.32 -15.48 -22.52
C SER A 73 -9.70 -16.00 -22.10
N ALA A 74 -9.76 -16.78 -21.02
CA ALA A 74 -11.01 -17.35 -20.42
C ALA A 74 -11.88 -16.24 -19.79
N ILE A 75 -11.25 -15.22 -19.20
CA ILE A 75 -11.98 -14.03 -18.72
C ILE A 75 -12.57 -13.28 -19.93
N GLU A 76 -11.81 -13.13 -21.02
CA GLU A 76 -12.36 -12.41 -22.20
C GLU A 76 -13.63 -13.14 -22.68
N ASP A 77 -13.61 -14.47 -22.76
CA ASP A 77 -14.77 -15.27 -23.22
C ASP A 77 -15.96 -14.92 -22.33
N ALA A 78 -15.73 -14.78 -21.01
CA ALA A 78 -16.80 -14.56 -20.02
C ALA A 78 -17.32 -13.12 -20.09
N LEU A 79 -16.51 -12.14 -20.46
CA LEU A 79 -16.87 -10.72 -20.21
C LEU A 79 -17.15 -9.98 -21.51
N ILE A 80 -16.81 -10.54 -22.66
CA ILE A 80 -16.99 -9.80 -23.94
C ILE A 80 -18.48 -9.44 -24.05
N GLY A 81 -18.81 -8.20 -24.37
CA GLY A 81 -20.21 -7.77 -24.50
C GLY A 81 -20.76 -7.08 -23.27
N LEU A 82 -20.18 -7.29 -22.07
CA LEU A 82 -20.67 -6.61 -20.85
C LEU A 82 -20.23 -5.14 -20.89
N SER A 83 -21.06 -4.23 -20.38
CA SER A 83 -20.70 -2.81 -20.14
C SER A 83 -19.51 -2.75 -19.17
N ALA A 84 -18.48 -2.02 -19.54
CA ALA A 84 -17.33 -1.73 -18.66
C ALA A 84 -17.76 -0.86 -17.48
N LEU A 85 -18.93 -0.20 -17.54
CA LEU A 85 -19.45 0.69 -16.48
C LEU A 85 -19.87 -0.16 -15.26
N ASP A 86 -20.22 -1.42 -15.49
CA ASP A 86 -20.78 -2.31 -14.44
C ASP A 86 -19.63 -3.06 -13.75
N GLN A 87 -18.84 -2.31 -13.00
CA GLN A 87 -17.58 -2.79 -12.37
C GLN A 87 -17.92 -3.98 -11.48
N GLU A 88 -18.97 -3.85 -10.66
CA GLU A 88 -19.37 -4.90 -9.71
C GLU A 88 -19.79 -6.16 -10.48
N GLY A 89 -20.58 -6.03 -11.56
CA GLY A 89 -21.00 -7.19 -12.37
C GLY A 89 -19.81 -7.91 -12.98
N LEU A 90 -18.89 -7.12 -13.50
CA LEU A 90 -17.65 -7.62 -14.11
C LEU A 90 -16.85 -8.38 -13.05
N ASP A 91 -16.64 -7.77 -11.87
CA ASP A 91 -15.81 -8.37 -10.80
C ASP A 91 -16.47 -9.66 -10.30
N LYS A 92 -17.80 -9.68 -10.14
CA LYS A 92 -18.56 -10.87 -9.67
C LYS A 92 -18.46 -11.96 -10.73
N ALA A 93 -18.53 -11.60 -12.02
CA ALA A 93 -18.41 -12.56 -13.16
C ALA A 93 -17.05 -13.25 -13.07
N MET A 94 -15.97 -12.52 -12.77
CA MET A 94 -14.62 -13.15 -12.71
C MET A 94 -14.56 -14.01 -11.43
N ILE A 95 -15.09 -13.54 -10.32
CA ILE A 95 -15.08 -14.33 -9.05
C ILE A 95 -15.78 -15.69 -9.30
N ALA A 96 -16.92 -15.70 -9.98
CA ALA A 96 -17.71 -16.93 -10.23
C ALA A 96 -16.95 -17.82 -11.22
N LEU A 97 -16.40 -17.23 -12.29
CA LEU A 97 -15.60 -17.98 -13.30
C LEU A 97 -14.46 -18.71 -12.59
N ASP A 98 -13.83 -18.07 -11.61
CA ASP A 98 -12.70 -18.67 -10.88
C ASP A 98 -13.24 -19.78 -9.97
N GLY A 99 -14.32 -19.48 -9.25
CA GLY A 99 -15.06 -20.41 -8.38
C GLY A 99 -14.29 -20.87 -7.15
N THR A 100 -13.16 -20.26 -6.81
CA THR A 100 -12.40 -20.61 -5.58
C THR A 100 -12.37 -19.38 -4.69
N PRO A 101 -12.31 -19.53 -3.35
CA PRO A 101 -12.31 -18.37 -2.45
C PRO A 101 -11.10 -17.42 -2.60
N ASN A 102 -9.90 -17.97 -2.86
CA ASN A 102 -8.62 -17.20 -2.90
CA ASN A 102 -8.60 -17.25 -2.90
C ASN A 102 -8.16 -17.00 -4.35
N LYS A 103 -9.08 -17.16 -5.31
CA LYS A 103 -8.84 -16.92 -6.77
C LYS A 103 -7.61 -17.74 -7.26
N LYS A 104 -7.43 -18.96 -6.73
CA LYS A 104 -6.34 -19.93 -7.05
C LYS A 104 -6.44 -20.39 -8.52
N ASN A 105 -7.61 -20.34 -9.09
CA ASN A 105 -7.87 -21.00 -10.39
C ASN A 105 -7.34 -20.13 -11.54
N LEU A 106 -7.92 -18.94 -11.71
CA LEU A 106 -7.55 -18.00 -12.80
C LEU A 106 -6.27 -17.26 -12.38
N GLY A 107 -6.10 -17.04 -11.06
CA GLY A 107 -5.03 -16.20 -10.50
C GLY A 107 -5.59 -14.84 -10.12
N ALA A 108 -5.26 -14.39 -8.91
CA ALA A 108 -5.57 -13.00 -8.45
C ALA A 108 -4.94 -11.97 -9.39
N ASN A 109 -3.79 -12.29 -9.94
CA ASN A 109 -2.97 -11.39 -10.77
C ASN A 109 -3.71 -11.19 -12.10
N ALA A 110 -4.26 -12.27 -12.68
CA ALA A 110 -5.12 -12.23 -13.89
C ALA A 110 -6.41 -11.46 -13.62
N ILE A 111 -7.08 -11.76 -12.52
CA ILE A 111 -8.38 -11.15 -12.19
C ILE A 111 -8.14 -9.67 -11.88
N LEU A 112 -7.16 -9.33 -11.06
CA LEU A 112 -7.03 -7.88 -10.72
C LEU A 112 -6.63 -7.12 -11.98
N ALA A 113 -5.84 -7.70 -12.88
CA ALA A 113 -5.34 -6.93 -14.04
C ALA A 113 -6.55 -6.48 -14.89
N VAL A 114 -7.48 -7.38 -15.12
CA VAL A 114 -8.72 -7.09 -15.90
C VAL A 114 -9.62 -6.14 -15.10
N SER A 115 -9.73 -6.32 -13.81
CA SER A 115 -10.55 -5.50 -12.90
C SER A 115 -10.12 -4.01 -13.04
N LEU A 116 -8.83 -3.73 -12.97
CA LEU A 116 -8.34 -2.30 -13.04
C LEU A 116 -8.42 -1.78 -14.49
N ALA A 117 -8.04 -2.60 -15.48
CA ALA A 117 -7.99 -2.20 -16.89
C ALA A 117 -9.41 -1.84 -17.35
N THR A 118 -10.40 -2.60 -16.89
CA THR A 118 -11.82 -2.27 -17.14
C THR A 118 -12.17 -0.89 -16.58
N ALA A 119 -11.79 -0.60 -15.34
CA ALA A 119 -12.12 0.68 -14.67
C ALA A 119 -11.46 1.84 -15.42
N HIS A 120 -10.20 1.69 -15.83
CA HIS A 120 -9.46 2.70 -16.62
C HIS A 120 -10.20 2.88 -17.96
N ALA A 121 -10.61 1.80 -18.60
CA ALA A 121 -11.32 1.85 -19.90
C ALA A 121 -12.59 2.69 -19.75
N ALA A 122 -13.33 2.48 -18.67
CA ALA A 122 -14.67 3.04 -18.39
C ALA A 122 -14.55 4.53 -18.10
N ALA A 123 -13.62 4.90 -17.24
CA ALA A 123 -13.32 6.32 -16.97
C ALA A 123 -12.93 7.03 -18.29
N THR A 124 -12.06 6.45 -19.11
CA THR A 124 -11.70 7.04 -20.44
C THR A 124 -12.96 7.17 -21.32
N SER A 125 -13.78 6.12 -21.42
CA SER A 125 -15.09 6.15 -22.10
C SER A 125 -15.90 7.38 -21.66
N LEU A 126 -16.02 7.64 -20.36
CA LEU A 126 -16.86 8.76 -19.87
C LEU A 126 -16.07 10.06 -19.90
N ASN A 127 -14.79 10.02 -20.32
CA ASN A 127 -13.83 11.15 -20.26
C ASN A 127 -13.72 11.70 -18.83
N LEU A 128 -13.69 10.82 -17.83
CA LEU A 128 -13.46 11.22 -16.42
C LEU A 128 -12.10 10.70 -15.95
N PRO A 129 -11.38 11.47 -15.12
CA PRO A 129 -10.17 10.95 -14.50
C PRO A 129 -10.62 9.82 -13.56
N LEU A 130 -9.77 8.85 -13.30
CA LEU A 130 -10.18 7.59 -12.62
C LEU A 130 -10.68 7.93 -11.19
N TYR A 131 -10.06 8.90 -10.51
CA TYR A 131 -10.43 9.23 -9.12
C TYR A 131 -11.92 9.68 -9.08
N ARG A 132 -12.36 10.44 -10.09
CA ARG A 132 -13.72 11.03 -10.22
C ARG A 132 -14.65 9.91 -10.65
N TYR A 133 -14.26 9.11 -11.63
CA TYR A 133 -15.02 7.90 -12.06
C TYR A 133 -15.40 7.07 -10.83
N LEU A 134 -14.45 6.78 -9.95
CA LEU A 134 -14.67 5.88 -8.78
C LEU A 134 -15.31 6.63 -7.61
N GLY A 135 -15.04 7.93 -7.41
CA GLY A 135 -15.36 8.59 -6.12
C GLY A 135 -16.49 9.60 -6.20
N GLY A 136 -16.93 9.97 -7.39
CA GLY A 136 -18.01 10.96 -7.53
C GLY A 136 -17.48 12.35 -7.21
N PRO A 137 -18.35 13.37 -7.18
CA PRO A 137 -17.91 14.76 -7.14
C PRO A 137 -17.25 15.29 -5.86
N LEU A 138 -17.24 14.50 -4.77
CA LEU A 138 -16.51 14.87 -3.53
C LEU A 138 -15.12 14.20 -3.49
N ALA A 139 -14.67 13.51 -4.54
CA ALA A 139 -13.32 12.88 -4.54
C ALA A 139 -12.26 14.00 -4.69
N ASN A 140 -11.88 14.68 -3.60
CA ASN A 140 -11.12 15.96 -3.67
C ASN A 140 -10.01 16.01 -2.61
N VAL A 141 -9.70 14.88 -1.98
CA VAL A 141 -8.72 14.83 -0.84
C VAL A 141 -7.43 14.13 -1.27
N LEU A 142 -6.34 14.90 -1.27
CA LEU A 142 -4.97 14.42 -1.49
C LEU A 142 -4.51 13.77 -0.20
N PRO A 143 -3.95 12.54 -0.27
CA PRO A 143 -3.51 11.86 0.95
C PRO A 143 -2.17 12.40 1.47
N VAL A 144 -2.01 12.32 2.80
CA VAL A 144 -0.70 12.37 3.49
C VAL A 144 0.08 11.11 3.10
N PRO A 145 1.26 11.32 2.48
CA PRO A 145 2.14 10.23 2.10
C PRO A 145 2.94 9.71 3.30
N MET A 146 2.98 8.39 3.48
CA MET A 146 3.93 7.83 4.45
C MET A 146 5.13 7.28 3.68
N MET A 147 6.26 7.97 3.82
CA MET A 147 7.40 7.90 2.90
C MET A 147 8.53 7.12 3.54
N ASN A 148 8.79 5.94 3.01
CA ASN A 148 9.91 5.07 3.43
C ASN A 148 11.21 5.88 3.42
N VAL A 149 12.06 5.78 4.44
CA VAL A 149 13.46 6.30 4.33
C VAL A 149 14.47 5.32 4.94
N ILE A 150 14.14 4.54 5.97
CA ILE A 150 15.13 3.62 6.59
C ILE A 150 14.47 2.26 6.77
N ASN A 151 15.23 1.20 6.48
CA ASN A 151 14.73 -0.19 6.51
C ASN A 151 15.54 -1.03 7.49
N GLY A 152 14.88 -2.01 8.13
CA GLY A 152 15.49 -2.94 9.08
C GLY A 152 14.89 -4.33 8.95
N GLY A 153 15.07 -5.19 9.95
CA GLY A 153 14.41 -6.51 10.01
C GLY A 153 14.69 -7.28 8.75
N ALA A 154 13.67 -7.86 8.13
CA ALA A 154 13.88 -8.79 6.99
C ALA A 154 14.19 -7.99 5.71
N HIS A 155 14.13 -6.65 5.76
CA HIS A 155 14.29 -5.78 4.56
C HIS A 155 15.70 -5.15 4.57
N ALA A 156 16.60 -5.64 5.44
CA ALA A 156 17.98 -5.09 5.61
C ALA A 156 18.96 -6.16 6.07
N ASP A 157 20.25 -5.82 6.02
CA ASP A 157 21.37 -6.55 6.67
C ASP A 157 21.94 -5.60 7.74
N ASN A 158 21.30 -5.51 8.90
CA ASN A 158 21.72 -4.58 9.97
C ASN A 158 21.12 -5.07 11.28
N ASN A 159 21.27 -4.30 12.36
CA ASN A 159 20.78 -4.72 13.69
C ASN A 159 19.53 -3.92 14.06
N VAL A 160 18.82 -3.41 13.06
CA VAL A 160 17.52 -2.72 13.28
C VAL A 160 16.45 -3.81 13.22
N ASP A 161 15.61 -3.88 14.27
CA ASP A 161 14.61 -4.97 14.44
C ASP A 161 13.34 -4.61 13.65
N PHE A 162 12.93 -3.35 13.71
CA PHE A 162 11.72 -2.88 12.99
C PHE A 162 12.05 -2.85 11.50
N GLN A 163 11.01 -2.98 10.67
CA GLN A 163 11.12 -3.23 9.21
C GLN A 163 11.20 -1.92 8.43
N GLU A 164 10.38 -0.92 8.74
CA GLU A 164 10.30 0.35 7.97
C GLU A 164 10.20 1.54 8.93
N PHE A 165 10.99 2.56 8.67
CA PHE A 165 10.85 3.88 9.32
C PHE A 165 10.49 4.86 8.20
N MET A 166 9.40 5.62 8.42
CA MET A 166 8.77 6.51 7.43
C MET A 166 8.69 7.92 8.02
N ILE A 167 8.72 8.90 7.13
CA ILE A 167 8.31 10.29 7.44
C ILE A 167 6.94 10.55 6.81
N MET A 168 6.17 11.42 7.43
CA MET A 168 4.83 11.82 6.96
C MET A 168 4.75 13.34 7.11
N PRO A 169 4.71 14.09 5.98
CA PRO A 169 4.52 15.55 6.01
C PRO A 169 3.08 16.02 6.37
N VAL A 170 2.69 15.74 7.60
CA VAL A 170 1.33 15.96 8.16
C VAL A 170 1.02 17.46 8.18
N GLY A 171 2.02 18.32 8.23
CA GLY A 171 1.80 19.75 8.51
C GLY A 171 1.78 20.60 7.27
N ALA A 172 1.93 20.02 6.08
CA ALA A 172 2.03 20.78 4.81
C ALA A 172 0.66 21.34 4.41
N PRO A 173 0.62 22.49 3.69
CA PRO A 173 -0.63 23.06 3.23
C PRO A 173 -1.25 22.38 2.01
N SER A 174 -0.51 21.54 1.29
CA SER A 174 -0.88 20.94 -0.01
C SER A 174 -0.04 19.67 -0.20
N PHE A 175 -0.48 18.76 -1.05
CA PHE A 175 0.33 17.58 -1.46
C PHE A 175 1.60 18.03 -2.18
N LYS A 176 1.51 19.05 -3.03
CA LYS A 176 2.67 19.62 -3.77
C LYS A 176 3.74 20.05 -2.74
N GLU A 177 3.37 20.71 -1.67
CA GLU A 177 4.35 21.12 -0.63
C GLU A 177 4.79 19.88 0.17
N ALA A 178 3.86 19.04 0.56
CA ALA A 178 4.15 17.79 1.32
C ALA A 178 5.21 16.96 0.60
N LEU A 179 5.11 16.86 -0.72
CA LEU A 179 6.05 16.09 -1.55
C LEU A 179 7.41 16.77 -1.49
N ARG A 180 7.45 18.10 -1.63
CA ARG A 180 8.75 18.81 -1.55
C ARG A 180 9.38 18.60 -0.16
N TRP A 181 8.63 18.76 0.91
CA TRP A 181 9.18 18.50 2.28
C TRP A 181 9.81 17.10 2.35
N GLY A 182 9.08 16.07 1.87
CA GLY A 182 9.58 14.67 1.81
C GLY A 182 10.93 14.60 1.09
N ALA A 183 11.00 15.14 -0.11
CA ALA A 183 12.19 15.05 -0.99
C ALA A 183 13.39 15.74 -0.30
N GLU A 184 13.19 16.93 0.28
CA GLU A 184 14.24 17.70 0.98
C GLU A 184 14.69 16.90 2.19
N VAL A 185 13.78 16.29 2.94
CA VAL A 185 14.23 15.48 4.10
C VAL A 185 15.04 14.27 3.60
N PHE A 186 14.59 13.61 2.53
CA PHE A 186 15.29 12.45 1.92
C PHE A 186 16.70 12.87 1.46
N HIS A 187 16.88 14.04 0.85
CA HIS A 187 18.22 14.47 0.36
C HIS A 187 19.12 14.86 1.53
N ALA A 188 18.57 15.53 2.55
CA ALA A 188 19.30 15.79 3.83
C ALA A 188 19.70 14.45 4.45
N LEU A 189 18.82 13.44 4.46
CA LEU A 189 19.17 12.11 5.03
C LEU A 189 20.35 11.49 4.29
N ALA A 190 20.31 11.46 2.96
CA ALA A 190 21.41 10.94 2.12
C ALA A 190 22.76 11.58 2.53
N LYS A 191 22.77 12.90 2.68
CA LYS A 191 23.98 13.70 3.03
C LYS A 191 24.49 13.24 4.42
N VAL A 192 23.60 13.10 5.40
CA VAL A 192 23.97 12.65 6.78
C VAL A 192 24.62 11.29 6.68
N LEU A 193 24.05 10.38 5.87
CA LEU A 193 24.59 9.00 5.75
C LEU A 193 26.00 9.10 5.16
N LYS A 194 26.17 9.86 4.08
CA LYS A 194 27.48 9.98 3.37
C LYS A 194 28.49 10.50 4.40
N ASP A 195 28.19 11.63 5.04
CA ASP A 195 29.02 12.28 6.08
C ASP A 195 29.35 11.30 7.23
N LYS A 196 28.49 10.34 7.58
CA LYS A 196 28.83 9.33 8.63
C LYS A 196 29.49 8.10 8.00
N GLY A 197 29.74 8.08 6.70
CA GLY A 197 30.33 6.91 5.99
C GLY A 197 29.43 5.67 6.00
N LEU A 198 28.12 5.85 5.99
CA LEU A 198 27.13 4.75 5.92
C LEU A 198 26.68 4.57 4.46
N ALA A 199 26.30 3.34 4.09
CA ALA A 199 25.95 2.97 2.69
C ALA A 199 24.69 3.73 2.27
N THR A 200 24.63 4.21 1.03
CA THR A 200 23.47 4.98 0.50
C THR A 200 22.90 4.30 -0.76
N GLY A 201 23.24 3.05 -1.04
CA GLY A 201 22.50 2.20 -2.00
C GLY A 201 21.06 2.05 -1.51
N VAL A 202 20.07 1.94 -2.41
CA VAL A 202 18.66 1.94 -1.96
C VAL A 202 18.13 0.52 -2.10
N GLY A 203 17.05 0.20 -1.37
CA GLY A 203 16.38 -1.11 -1.46
C GLY A 203 15.15 -1.04 -2.35
N ASP A 204 14.31 -2.08 -2.30
CA ASP A 204 13.11 -2.23 -3.16
C ASP A 204 12.32 -0.92 -3.25
N GLU A 205 12.13 -0.21 -2.13
CA GLU A 205 11.14 0.89 -2.02
C GLU A 205 11.81 2.25 -2.26
N GLY A 206 13.12 2.28 -2.51
CA GLY A 206 13.86 3.51 -2.82
C GLY A 206 14.39 4.19 -1.56
N GLY A 207 14.35 3.49 -0.42
CA GLY A 207 14.96 3.97 0.84
C GLY A 207 16.33 3.35 1.11
N PHE A 208 16.92 3.74 2.24
CA PHE A 208 18.29 3.36 2.67
C PHE A 208 18.17 2.25 3.70
N ALA A 209 19.18 1.39 3.77
CA ALA A 209 19.26 0.32 4.79
C ALA A 209 20.68 0.30 5.32
N PRO A 210 21.19 1.39 5.90
CA PRO A 210 22.55 1.42 6.42
C PRO A 210 22.70 0.47 7.62
N ASN A 211 23.94 0.07 7.91
CA ASN A 211 24.25 -0.89 8.99
C ASN A 211 24.14 -0.17 10.33
N LEU A 212 22.90 0.02 10.82
CA LEU A 212 22.62 0.67 12.12
C LEU A 212 22.45 -0.40 13.19
N GLY A 213 22.59 0.02 14.45
CA GLY A 213 22.75 -0.87 15.62
C GLY A 213 21.44 -1.12 16.34
N SER A 214 20.41 -0.28 16.14
CA SER A 214 19.15 -0.32 16.91
C SER A 214 18.03 0.47 16.21
N ASN A 215 16.79 0.24 16.64
CA ASN A 215 15.59 1.01 16.21
C ASN A 215 15.81 2.48 16.59
N LYS A 216 16.42 2.71 17.76
CA LYS A 216 16.65 4.08 18.29
C LYS A 216 17.53 4.86 17.31
N GLU A 217 18.59 4.23 16.81
CA GLU A 217 19.56 4.86 15.86
C GLU A 217 18.79 5.32 14.61
N ALA A 218 17.88 4.47 14.12
CA ALA A 218 17.01 4.77 12.95
C ALA A 218 16.18 6.03 13.25
N LEU A 219 15.49 6.07 14.39
CA LEU A 219 14.61 7.21 14.74
C LEU A 219 15.47 8.48 14.87
N GLU A 220 16.67 8.38 15.46
CA GLU A 220 17.57 9.54 15.71
C GLU A 220 18.05 10.09 14.36
N LEU A 221 18.46 9.21 13.46
CA LEU A 221 18.78 9.53 12.03
C LEU A 221 17.65 10.34 11.38
N LEU A 222 16.40 9.86 11.45
CA LEU A 222 15.28 10.61 10.78
C LEU A 222 15.14 12.00 11.42
N LEU A 223 15.28 12.13 12.74
CA LEU A 223 15.18 13.44 13.45
C LEU A 223 16.28 14.39 12.97
N THR A 224 17.52 13.91 12.84
CA THR A 224 18.65 14.70 12.31
C THR A 224 18.31 15.18 10.90
N ALA A 225 17.79 14.27 10.08
CA ALA A 225 17.50 14.53 8.65
C ALA A 225 16.45 15.63 8.61
N ILE A 226 15.36 15.46 9.37
CA ILE A 226 14.23 16.43 9.36
C ILE A 226 14.79 17.82 9.71
N GLU A 227 15.57 17.91 10.79
CA GLU A 227 16.11 19.18 11.33
C GLU A 227 17.12 19.80 10.35
N ALA A 228 18.07 19.04 9.82
CA ALA A 228 19.00 19.46 8.75
C ALA A 228 18.24 20.00 7.53
N ALA A 229 17.07 19.45 7.17
CA ALA A 229 16.29 19.97 6.03
C ALA A 229 15.55 21.24 6.47
N GLY A 230 15.55 21.53 7.77
CA GLY A 230 14.97 22.78 8.33
C GLY A 230 13.50 22.60 8.70
N TYR A 231 13.00 21.38 8.95
CA TYR A 231 11.56 21.20 9.27
C TYR A 231 11.45 20.84 10.75
N LYS A 232 10.27 21.05 11.33
CA LYS A 232 9.97 20.71 12.75
C LYS A 232 9.42 19.28 12.84
N PRO A 233 10.12 18.34 13.50
CA PRO A 233 9.63 16.98 13.67
C PRO A 233 8.27 17.03 14.39
N GLY A 234 7.31 16.17 14.05
CA GLY A 234 5.98 16.17 14.68
C GLY A 234 5.04 17.17 14.05
N GLU A 235 5.25 18.47 14.30
CA GLU A 235 4.35 19.56 13.80
C GLU A 235 4.33 19.56 12.26
N GLN A 236 5.49 19.43 11.60
CA GLN A 236 5.63 19.55 10.14
C GLN A 236 5.81 18.15 9.53
N VAL A 237 6.85 17.44 9.94
CA VAL A 237 7.20 16.07 9.48
C VAL A 237 7.21 15.16 10.71
N ALA A 238 6.28 14.23 10.75
CA ALA A 238 6.16 13.23 11.83
C ALA A 238 6.78 11.93 11.35
N LEU A 239 6.85 10.95 12.26
CA LEU A 239 7.49 9.65 12.02
C LEU A 239 6.41 8.57 11.96
N ALA A 240 6.63 7.49 11.24
CA ALA A 240 5.78 6.29 11.33
C ALA A 240 6.66 5.06 11.27
N MET A 241 6.18 3.91 11.75
CA MET A 241 6.99 2.67 11.77
C MET A 241 6.17 1.48 11.26
N ASP A 242 6.80 0.59 10.49
CA ASP A 242 6.31 -0.79 10.24
C ASP A 242 7.20 -1.69 11.09
N VAL A 243 6.67 -2.09 12.25
CA VAL A 243 7.34 -2.97 13.24
C VAL A 243 7.48 -4.37 12.62
N ALA A 244 6.52 -4.80 11.80
CA ALA A 244 6.38 -6.20 11.31
C ALA A 244 6.80 -7.17 12.42
N SER A 245 6.15 -7.08 13.57
CA SER A 245 6.47 -7.91 14.78
C SER A 245 6.42 -9.39 14.45
N SER A 246 5.59 -9.83 13.48
CA SER A 246 5.52 -11.28 13.10
C SER A 246 6.92 -11.82 12.86
N GLU A 247 7.84 -10.97 12.38
CA GLU A 247 9.21 -11.38 11.97
C GLU A 247 10.04 -11.78 13.18
N PHE A 248 9.73 -11.28 14.38
CA PHE A 248 10.57 -11.51 15.58
C PHE A 248 9.67 -11.96 16.73
N TYR A 249 8.65 -12.75 16.41
CA TYR A 249 7.73 -13.36 17.38
C TYR A 249 7.85 -14.88 17.27
N LYS A 250 8.09 -15.60 18.36
CA LYS A 250 8.37 -17.08 18.25
C LYS A 250 7.40 -17.87 19.13
N ASN A 251 7.40 -17.71 20.46
CA ASN A 251 6.53 -18.55 21.33
C ASN A 251 5.96 -17.66 22.42
N GLY A 252 4.99 -16.84 22.05
CA GLY A 252 4.43 -15.77 22.87
C GLY A 252 5.46 -14.71 23.23
N LEU A 253 6.66 -14.78 22.62
CA LEU A 253 7.75 -13.82 22.92
C LEU A 253 8.17 -13.07 21.66
N TYR A 254 8.46 -11.78 21.85
CA TYR A 254 8.95 -10.83 20.83
C TYR A 254 10.39 -10.46 21.18
N THR A 255 11.36 -10.79 20.31
CA THR A 255 12.78 -10.42 20.49
C THR A 255 13.05 -9.07 19.83
N CYS A 256 13.48 -8.13 20.64
CA CYS A 256 13.55 -6.71 20.26
C CYS A 256 14.70 -6.05 21.04
N ASP A 257 15.72 -5.59 20.31
CA ASP A 257 16.97 -4.98 20.84
C ASP A 257 17.67 -5.98 21.77
N GLY A 258 17.87 -7.22 21.32
CA GLY A 258 18.64 -8.28 22.01
C GLY A 258 17.87 -9.02 23.11
N VAL A 259 16.77 -8.47 23.63
CA VAL A 259 15.97 -9.00 24.78
C VAL A 259 14.70 -9.67 24.23
N SER A 260 14.20 -10.68 24.94
CA SER A 260 12.86 -11.26 24.73
C SER A 260 11.83 -10.57 25.63
N HIS A 261 10.65 -10.30 25.08
CA HIS A 261 9.55 -9.61 25.78
C HIS A 261 8.29 -10.45 25.66
N GLU A 262 7.47 -10.42 26.70
CA GLU A 262 6.05 -10.84 26.65
C GLU A 262 5.26 -9.72 26.00
N PRO A 263 4.07 -10.02 25.41
CA PRO A 263 3.25 -8.99 24.78
C PRO A 263 3.28 -7.65 25.55
N ALA A 264 3.06 -7.69 26.88
CA ALA A 264 3.00 -6.51 27.77
C ALA A 264 4.32 -5.72 27.70
N GLY A 265 5.46 -6.41 27.52
CA GLY A 265 6.79 -5.82 27.32
C GLY A 265 6.85 -5.10 25.98
N MET A 266 6.48 -5.80 24.91
CA MET A 266 6.47 -5.22 23.55
C MET A 266 5.57 -3.98 23.56
N ILE A 267 4.35 -4.09 24.08
CA ILE A 267 3.43 -2.92 24.22
C ILE A 267 4.20 -1.77 24.89
N GLY A 268 4.86 -2.04 26.01
CA GLY A 268 5.62 -1.02 26.76
C GLY A 268 6.70 -0.37 25.90
N ILE A 269 7.45 -1.17 25.13
CA ILE A 269 8.46 -0.68 24.14
C ILE A 269 7.76 0.33 23.22
N LEU A 270 6.58 -0.03 22.70
CA LEU A 270 5.89 0.83 21.70
C LEU A 270 5.48 2.13 22.39
N ALA A 271 4.99 2.05 23.64
CA ALA A 271 4.49 3.20 24.44
C ALA A 271 5.63 4.18 24.77
N ASP A 272 6.82 3.66 25.09
CA ASP A 272 8.03 4.45 25.38
C ASP A 272 8.47 5.19 24.11
N LEU A 273 8.53 4.46 23.00
CA LEU A 273 8.86 5.05 21.67
C LEU A 273 7.90 6.19 21.35
N VAL A 274 6.57 6.02 21.45
CA VAL A 274 5.66 7.16 21.08
C VAL A 274 5.79 8.31 22.09
N SER A 275 6.23 8.05 23.33
CA SER A 275 6.56 9.09 24.36
C SER A 275 7.76 9.93 23.94
N GLN A 276 8.81 9.27 23.48
CA GLN A 276 10.15 9.87 23.30
C GLN A 276 10.21 10.52 21.91
N TYR A 277 9.49 9.95 20.92
CA TYR A 277 9.59 10.30 19.49
C TYR A 277 8.24 10.74 18.94
N PRO A 278 8.21 11.70 17.97
CA PRO A 278 6.97 12.13 17.30
C PRO A 278 6.46 11.07 16.29
N ILE A 279 6.16 9.88 16.80
CA ILE A 279 5.60 8.74 16.02
C ILE A 279 4.09 8.91 15.99
N VAL A 280 3.50 9.09 14.79
CA VAL A 280 2.02 9.28 14.67
C VAL A 280 1.38 7.97 14.21
N SER A 281 2.15 6.94 13.89
CA SER A 281 1.56 5.67 13.39
C SER A 281 2.53 4.50 13.53
N ILE A 282 1.95 3.34 13.82
CA ILE A 282 2.66 2.06 14.07
C ILE A 282 1.89 0.98 13.35
N GLU A 283 2.55 0.21 12.49
CA GLU A 283 1.97 -0.88 11.69
C GLU A 283 2.48 -2.19 12.25
N ASP A 284 1.58 -3.16 12.44
CA ASP A 284 1.94 -4.53 12.90
C ASP A 284 2.87 -4.48 14.13
N GLY A 285 2.56 -3.60 15.07
CA GLY A 285 3.26 -3.53 16.36
C GLY A 285 3.22 -4.86 17.10
N LEU A 286 2.15 -5.64 16.98
CA LEU A 286 2.04 -6.99 17.56
C LEU A 286 1.70 -8.00 16.46
N GLN A 287 1.93 -9.28 16.76
CA GLN A 287 1.88 -10.35 15.76
C GLN A 287 0.47 -10.46 15.17
N GLU A 288 0.37 -10.99 13.94
CA GLU A 288 -0.84 -11.07 13.09
C GLU A 288 -1.93 -11.90 13.77
N ASP A 289 -1.61 -12.70 14.77
CA ASP A 289 -2.63 -13.53 15.46
C ASP A 289 -2.68 -13.21 16.96
N ASP A 290 -2.03 -12.15 17.43
CA ASP A 290 -1.96 -11.80 18.86
C ASP A 290 -3.12 -10.86 19.27
N TRP A 291 -4.36 -11.32 19.10
CA TRP A 291 -5.57 -10.45 19.16
C TRP A 291 -5.87 -9.91 20.56
N SER A 292 -5.79 -10.73 21.63
CA SER A 292 -6.06 -10.23 23.02
C SER A 292 -5.09 -9.08 23.34
N ASN A 293 -3.82 -9.22 22.95
CA ASN A 293 -2.75 -8.22 23.21
C ASN A 293 -2.90 -7.02 22.27
N TRP A 294 -3.35 -7.26 21.03
CA TRP A 294 -3.76 -6.17 20.11
C TRP A 294 -4.84 -5.35 20.80
N LYS A 295 -5.79 -6.01 21.48
CA LYS A 295 -6.92 -5.30 22.16
C LYS A 295 -6.38 -4.35 23.25
N THR A 296 -5.40 -4.80 24.03
CA THR A 296 -4.72 -4.01 25.08
C THR A 296 -3.96 -2.85 24.44
N LEU A 297 -3.15 -3.13 23.40
CA LEU A 297 -2.36 -2.09 22.68
C LEU A 297 -3.31 -0.98 22.21
N THR A 298 -4.47 -1.36 21.67
CA THR A 298 -5.45 -0.42 21.09
C THR A 298 -6.07 0.39 22.23
N GLN A 299 -6.55 -0.31 23.27
CA GLN A 299 -7.05 0.31 24.52
C GLN A 299 -5.99 1.32 25.02
N GLN A 300 -4.71 0.97 25.10
CA GLN A 300 -3.69 1.84 25.73
C GLN A 300 -3.26 3.01 24.82
N LEU A 301 -2.89 2.78 23.56
CA LEU A 301 -2.28 3.86 22.69
C LEU A 301 -3.25 4.33 21.59
N GLY A 302 -4.34 3.61 21.34
CA GLY A 302 -5.26 3.82 20.21
C GLY A 302 -5.76 5.24 20.05
N SER A 303 -5.92 6.01 21.12
CA SER A 303 -6.52 7.36 21.03
C SER A 303 -5.43 8.40 20.83
N THR A 304 -4.17 7.97 20.88
CA THR A 304 -2.99 8.86 20.87
C THR A 304 -2.17 8.62 19.60
N VAL A 305 -2.33 7.47 18.92
CA VAL A 305 -1.45 7.06 17.77
C VAL A 305 -2.25 6.14 16.82
N GLN A 306 -1.94 6.17 15.53
CA GLN A 306 -2.57 5.26 14.55
C GLN A 306 -1.91 3.89 14.76
N LEU A 307 -2.74 2.86 14.75
CA LEU A 307 -2.37 1.44 14.87
C LEU A 307 -2.91 0.71 13.64
N VAL A 308 -2.01 0.52 12.67
CA VAL A 308 -2.28 -0.02 11.32
C VAL A 308 -2.11 -1.54 11.39
N GLY A 309 -3.16 -2.26 11.03
CA GLY A 309 -3.04 -3.68 10.66
C GLY A 309 -2.65 -3.83 9.20
N ASP A 310 -1.54 -4.52 8.94
CA ASP A 310 -1.16 -5.00 7.58
C ASP A 310 -1.31 -6.53 7.56
N ASP A 311 -0.31 -7.27 8.04
CA ASP A 311 -0.41 -8.75 8.18
C ASP A 311 -1.59 -9.09 9.11
N LEU A 312 -1.96 -8.20 10.02
CA LEU A 312 -3.12 -8.41 10.93
C LEU A 312 -4.40 -8.65 10.13
N PHE A 313 -4.66 -7.85 9.09
CA PHE A 313 -5.93 -7.87 8.33
C PHE A 313 -5.80 -8.41 6.89
N VAL A 314 -4.64 -8.35 6.23
CA VAL A 314 -4.37 -8.74 4.80
C VAL A 314 -5.54 -8.31 3.89
N THR A 315 -5.99 -7.06 4.04
CA THR A 315 -7.07 -6.45 3.22
C THR A 315 -8.25 -7.41 3.11
N ASN A 316 -8.58 -8.09 4.20
CA ASN A 316 -9.65 -9.13 4.21
C ASN A 316 -10.83 -8.63 5.05
N PRO A 317 -12.01 -8.46 4.44
CA PRO A 317 -13.16 -7.88 5.12
C PRO A 317 -13.62 -8.66 6.37
N ASP A 318 -13.48 -10.00 6.40
CA ASP A 318 -13.78 -10.81 7.62
C ASP A 318 -12.79 -10.51 8.76
N ARG A 319 -11.49 -10.48 8.49
CA ARG A 319 -10.51 -10.15 9.54
C ARG A 319 -10.75 -8.72 9.99
N LEU A 320 -11.07 -7.82 9.07
CA LEU A 320 -11.22 -6.39 9.45
C LEU A 320 -12.47 -6.27 10.32
N GLN A 321 -13.53 -6.98 9.94
CA GLN A 321 -14.83 -6.97 10.66
C GLN A 321 -14.58 -7.52 12.06
N SER A 322 -13.78 -8.58 12.20
CA SER A 322 -13.42 -9.14 13.53
C SER A 322 -12.68 -8.08 14.34
N GLY A 323 -11.70 -7.43 13.73
CA GLY A 323 -10.91 -6.37 14.38
C GLY A 323 -11.83 -5.29 14.92
N ILE A 324 -12.79 -4.88 14.10
CA ILE A 324 -13.74 -3.78 14.42
C ILE A 324 -14.55 -4.18 15.65
N GLU A 325 -15.07 -5.41 15.64
CA GLU A 325 -15.86 -6.02 16.76
C GLU A 325 -15.03 -6.05 18.03
N GLN A 326 -13.72 -6.29 17.97
CA GLN A 326 -12.92 -6.59 19.16
C GLN A 326 -12.13 -5.37 19.63
N GLY A 327 -12.33 -4.18 19.04
CA GLY A 327 -11.50 -2.98 19.32
C GLY A 327 -10.01 -3.21 19.04
N VAL A 328 -9.69 -3.84 17.90
CA VAL A 328 -8.30 -4.14 17.48
C VAL A 328 -7.90 -3.23 16.30
N GLY A 329 -6.80 -2.50 16.46
CA GLY A 329 -6.32 -1.46 15.54
C GLY A 329 -7.29 -0.30 15.43
N ASN A 330 -6.87 0.75 14.73
CA ASN A 330 -7.82 1.77 14.22
C ASN A 330 -7.53 2.13 12.76
N ALA A 331 -6.68 1.36 12.07
CA ALA A 331 -6.28 1.63 10.67
C ALA A 331 -5.95 0.31 9.98
N VAL A 332 -6.08 0.27 8.65
CA VAL A 332 -5.88 -0.96 7.83
C VAL A 332 -5.15 -0.57 6.52
N LEU A 333 -4.14 -1.35 6.18
CA LEU A 333 -3.40 -1.19 4.91
C LEU A 333 -4.31 -1.79 3.83
N ILE A 334 -4.43 -1.11 2.70
CA ILE A 334 -5.27 -1.62 1.59
C ILE A 334 -4.37 -1.98 0.42
N LYS A 335 -4.33 -3.26 0.11
CA LYS A 335 -3.58 -3.82 -1.01
C LYS A 335 -4.57 -4.46 -1.96
N LEU A 336 -4.80 -3.82 -3.12
CA LEU A 336 -5.64 -4.31 -4.24
C LEU A 336 -5.36 -5.82 -4.50
N ASN A 337 -4.12 -6.24 -4.67
CA ASN A 337 -3.80 -7.61 -5.17
C ASN A 337 -3.80 -8.61 -4.01
N GLN A 338 -4.01 -8.14 -2.79
CA GLN A 338 -4.23 -9.03 -1.62
C GLN A 338 -5.69 -9.53 -1.62
N ILE A 339 -6.64 -8.76 -2.19
CA ILE A 339 -8.07 -9.17 -2.27
C ILE A 339 -8.45 -9.56 -3.70
N GLY A 340 -7.99 -8.83 -4.72
CA GLY A 340 -7.99 -9.33 -6.12
C GLY A 340 -9.03 -8.73 -7.05
N THR A 341 -10.00 -7.95 -6.55
CA THR A 341 -10.86 -7.10 -7.44
C THR A 341 -10.97 -5.67 -6.88
N LEU A 342 -11.27 -4.73 -7.75
CA LEU A 342 -11.49 -3.31 -7.40
C LEU A 342 -12.75 -3.20 -6.52
N THR A 343 -13.82 -3.90 -6.90
CA THR A 343 -15.10 -3.94 -6.14
C THR A 343 -14.83 -4.35 -4.69
N GLU A 344 -14.15 -5.47 -4.49
CA GLU A 344 -13.96 -6.01 -3.11
C GLU A 344 -13.05 -5.05 -2.34
N THR A 345 -12.05 -4.46 -2.99
CA THR A 345 -11.19 -3.42 -2.36
C THR A 345 -12.08 -2.26 -1.90
N LEU A 346 -12.93 -1.74 -2.78
CA LEU A 346 -13.80 -0.59 -2.42
C LEU A 346 -14.75 -0.99 -1.26
N ARG A 347 -15.29 -2.21 -1.24
CA ARG A 347 -16.15 -2.71 -0.13
C ARG A 347 -15.39 -2.68 1.20
N THR A 348 -14.14 -3.14 1.18
CA THR A 348 -13.23 -3.20 2.33
C THR A 348 -12.91 -1.77 2.78
N ILE A 349 -12.66 -0.84 1.88
CA ILE A 349 -12.41 0.57 2.31
C ILE A 349 -13.68 1.16 2.95
N ASP A 350 -14.83 0.92 2.31
CA ASP A 350 -16.15 1.39 2.85
C ASP A 350 -16.34 0.82 4.27
N LEU A 351 -16.09 -0.47 4.46
CA LEU A 351 -16.23 -1.13 5.80
C LEU A 351 -15.33 -0.43 6.82
N ALA A 352 -14.04 -0.21 6.51
CA ALA A 352 -13.11 0.54 7.39
C ALA A 352 -13.70 1.92 7.70
N THR A 353 -14.11 2.68 6.67
CA THR A 353 -14.51 4.12 6.78
C THR A 353 -15.68 4.27 7.77
N ARG A 354 -16.72 3.43 7.58
CA ARG A 354 -18.02 3.44 8.29
C ARG A 354 -17.78 3.13 9.77
N SER A 355 -16.72 2.38 10.08
CA SER A 355 -16.34 1.94 11.44
C SER A 355 -15.29 2.86 12.05
N GLY A 356 -14.93 3.97 11.42
CA GLY A 356 -13.98 4.94 12.01
C GLY A 356 -12.53 4.50 11.90
N TYR A 357 -12.23 3.43 11.17
CA TYR A 357 -10.85 3.04 10.82
C TYR A 357 -10.38 3.89 9.62
N ARG A 358 -9.10 4.28 9.67
CA ARG A 358 -8.39 4.94 8.54
C ARG A 358 -7.97 3.86 7.55
N SER A 359 -8.15 4.12 6.24
CA SER A 359 -7.63 3.31 5.13
C SER A 359 -6.31 3.92 4.65
N VAL A 360 -5.26 3.12 4.62
CA VAL A 360 -3.93 3.49 4.08
C VAL A 360 -3.71 2.71 2.79
N ILE A 361 -3.79 3.42 1.68
CA ILE A 361 -3.69 2.75 0.35
C ILE A 361 -2.22 2.40 0.16
N SER A 362 -1.92 1.13 -0.12
CA SER A 362 -0.52 0.64 -0.07
C SER A 362 -0.04 0.08 -1.42
N HIS A 363 1.21 0.41 -1.73
CA HIS A 363 2.05 -0.27 -2.73
C HIS A 363 2.36 -1.71 -2.28
N ARG A 364 3.02 -2.47 -3.15
CA ARG A 364 3.73 -3.74 -2.86
C ARG A 364 5.22 -3.50 -3.12
N SER A 365 6.08 -4.37 -2.60
CA SER A 365 7.54 -4.41 -2.84
C SER A 365 7.81 -4.45 -4.33
N GLY A 366 7.15 -5.35 -5.05
CA GLY A 366 7.24 -5.43 -6.51
C GLY A 366 6.16 -4.57 -7.11
N GLU A 367 6.49 -3.34 -7.47
CA GLU A 367 5.54 -2.34 -8.03
C GLU A 367 5.80 -2.20 -9.53
N THR A 368 4.98 -1.40 -10.20
CA THR A 368 5.07 -1.15 -11.66
C THR A 368 4.89 0.35 -11.86
N GLU A 369 4.91 0.79 -13.13
CA GLU A 369 4.67 2.19 -13.57
C GLU A 369 3.17 2.51 -13.42
N ASP A 370 2.32 1.56 -13.06
CA ASP A 370 0.85 1.80 -12.82
C ASP A 370 0.65 2.84 -11.70
N THR A 371 -0.34 3.75 -11.82
CA THR A 371 -0.56 4.82 -10.81
C THR A 371 -1.94 4.70 -10.19
N THR A 372 -2.66 3.60 -10.42
CA THR A 372 -4.05 3.36 -9.92
C THR A 372 -4.19 3.73 -8.43
N ILE A 373 -3.22 3.40 -7.58
CA ILE A 373 -3.43 3.57 -6.10
C ILE A 373 -3.52 5.07 -5.75
N ALA A 374 -2.93 5.96 -6.55
CA ALA A 374 -3.06 7.41 -6.36
C ALA A 374 -4.53 7.81 -6.55
N ASP A 375 -5.14 7.40 -7.66
CA ASP A 375 -6.56 7.68 -7.96
C ASP A 375 -7.41 6.98 -6.90
N LEU A 376 -7.09 5.72 -6.57
CA LEU A 376 -7.83 4.99 -5.50
C LEU A 376 -7.85 5.79 -4.20
N ALA A 377 -6.71 6.34 -3.79
CA ALA A 377 -6.63 7.13 -2.55
C ALA A 377 -7.56 8.36 -2.63
N VAL A 378 -7.61 9.03 -3.78
CA VAL A 378 -8.39 10.30 -3.86
C VAL A 378 -9.86 9.93 -3.98
N ALA A 379 -10.18 8.87 -4.74
CA ALA A 379 -11.56 8.43 -4.98
C ALA A 379 -12.24 8.17 -3.64
N THR A 380 -11.54 7.53 -2.70
CA THR A 380 -12.18 6.99 -1.46
C THR A 380 -11.95 7.98 -0.33
N ARG A 381 -11.26 9.09 -0.59
CA ARG A 381 -10.90 10.06 0.47
C ARG A 381 -10.20 9.31 1.62
N ALA A 382 -9.39 8.30 1.30
CA ALA A 382 -8.63 7.46 2.26
C ALA A 382 -7.79 8.32 3.20
N GLY A 383 -7.16 9.39 2.71
CA GLY A 383 -6.43 10.41 3.49
C GLY A 383 -4.96 10.05 3.69
N GLN A 384 -4.58 8.80 3.41
CA GLN A 384 -3.18 8.33 3.53
C GLN A 384 -2.83 7.41 2.34
N ILE A 385 -1.58 7.45 1.93
CA ILE A 385 -1.03 6.50 0.92
C ILE A 385 0.39 6.07 1.36
N LYS A 386 0.72 4.83 1.11
CA LYS A 386 2.05 4.29 1.45
C LYS A 386 2.60 3.75 0.15
N THR A 387 3.52 4.49 -0.48
CA THR A 387 3.97 4.12 -1.83
C THR A 387 5.48 4.31 -1.97
N GLY A 388 6.22 4.13 -0.86
CA GLY A 388 7.70 4.05 -0.82
C GLY A 388 8.41 5.38 -0.55
N SER A 389 9.69 5.43 -0.90
CA SER A 389 10.60 6.52 -0.54
C SER A 389 10.49 7.60 -1.61
N LEU A 390 11.52 8.45 -1.71
CA LEU A 390 11.63 9.58 -2.66
C LEU A 390 12.62 9.24 -3.78
N SER A 391 12.79 7.95 -4.11
CA SER A 391 13.49 7.50 -5.33
C SER A 391 12.86 6.21 -5.84
N ARG A 392 13.07 5.96 -7.14
CA ARG A 392 12.56 4.84 -7.97
C ARG A 392 11.18 5.25 -8.48
N SER A 393 11.00 5.28 -9.80
CA SER A 393 9.82 5.88 -10.44
C SER A 393 8.60 4.98 -10.27
N GLU A 394 8.74 3.70 -9.94
CA GLU A 394 7.53 2.92 -9.54
C GLU A 394 6.92 3.48 -8.24
N ARG A 395 7.68 4.27 -7.48
CA ARG A 395 7.21 4.98 -6.26
C ARG A 395 6.86 6.40 -6.66
N ILE A 396 7.81 7.10 -7.26
CA ILE A 396 7.66 8.52 -7.69
C ILE A 396 6.47 8.73 -8.66
N ALA A 397 6.14 7.79 -9.54
CA ALA A 397 5.03 7.95 -10.52
C ALA A 397 3.70 8.14 -9.78
N LYS A 398 3.50 7.53 -8.60
CA LYS A 398 2.27 7.72 -7.78
C LYS A 398 2.25 9.19 -7.32
N TYR A 399 3.36 9.73 -6.87
CA TYR A 399 3.37 11.14 -6.40
C TYR A 399 3.13 12.11 -7.57
N ASN A 400 3.72 11.84 -8.73
CA ASN A 400 3.48 12.63 -9.96
C ASN A 400 2.01 12.55 -10.34
N ARG A 401 1.37 11.39 -10.20
CA ARG A 401 -0.07 11.31 -10.48
C ARG A 401 -0.82 12.19 -9.47
N LEU A 402 -0.46 12.12 -8.18
CA LEU A 402 -1.14 12.93 -7.17
C LEU A 402 -0.93 14.42 -7.51
N LEU A 403 0.24 14.82 -7.99
CA LEU A 403 0.43 16.24 -8.41
C LEU A 403 -0.53 16.60 -9.55
N ARG A 404 -0.75 15.70 -10.54
CA ARG A 404 -1.67 15.96 -11.68
C ARG A 404 -3.10 16.08 -11.14
N ILE A 405 -3.45 15.18 -10.23
CA ILE A 405 -4.80 15.20 -9.60
C ILE A 405 -4.99 16.52 -8.85
N GLU A 406 -4.06 16.90 -7.98
CA GLU A 406 -4.19 18.15 -7.20
C GLU A 406 -4.35 19.35 -8.14
N ALA A 407 -3.59 19.41 -9.22
CA ALA A 407 -3.65 20.53 -10.19
C ALA A 407 -5.04 20.55 -10.81
N ALA A 408 -5.55 19.37 -11.20
CA ALA A 408 -6.82 19.27 -11.91
C ALA A 408 -7.98 19.63 -10.95
N LEU A 409 -7.90 19.26 -9.67
CA LEU A 409 -8.95 19.64 -8.69
C LEU A 409 -8.88 21.15 -8.45
N GLY A 410 -7.74 21.81 -8.64
CA GLY A 410 -7.70 23.29 -8.54
C GLY A 410 -8.11 23.80 -7.17
N GLU A 411 -9.01 24.78 -7.11
CA GLU A 411 -9.52 25.38 -5.85
C GLU A 411 -10.31 24.37 -5.02
N ASN A 412 -10.66 23.20 -5.54
CA ASN A 412 -11.44 22.17 -4.78
C ASN A 412 -10.51 21.18 -4.08
N ALA A 413 -9.21 21.21 -4.36
CA ALA A 413 -8.15 20.35 -3.78
C ALA A 413 -8.09 20.55 -2.26
N LEU A 414 -8.15 19.46 -1.51
CA LEU A 414 -7.97 19.48 -0.05
C LEU A 414 -6.84 18.52 0.25
N TYR A 415 -5.99 18.88 1.21
CA TYR A 415 -4.93 18.01 1.77
C TYR A 415 -5.40 17.40 3.09
N ALA A 416 -5.33 16.08 3.18
CA ALA A 416 -5.83 15.30 4.33
C ALA A 416 -5.21 15.83 5.63
N GLY A 417 -3.92 16.13 5.60
CA GLY A 417 -3.13 16.60 6.76
C GLY A 417 -3.68 17.90 7.31
N ALA A 418 -4.36 18.71 6.49
CA ALA A 418 -4.84 20.06 6.90
C ALA A 418 -6.30 20.00 7.33
N ILE A 419 -7.01 18.91 7.05
CA ILE A 419 -8.49 18.88 7.28
C ILE A 419 -8.84 17.73 8.23
N GLY A 420 -7.85 17.09 8.84
CA GLY A 420 -8.09 16.12 9.91
C GLY A 420 -8.35 14.72 9.36
N LEU A 421 -8.02 14.44 8.08
CA LEU A 421 -8.16 13.08 7.49
C LEU A 421 -6.81 12.36 7.42
N GLY A 422 -5.79 12.88 8.12
CA GLY A 422 -4.47 12.24 8.15
C GLY A 422 -4.39 11.14 9.21
N PRO A 423 -3.15 10.72 9.60
CA PRO A 423 -2.97 9.73 10.67
C PRO A 423 -3.44 10.25 12.06
N LYS A 424 -3.23 11.55 12.33
CA LYS A 424 -3.47 12.24 13.63
C LYS A 424 -4.50 13.37 13.43
#